data_3HV2
#
_entry.id   3HV2
#
_cell.length_a   56.731
_cell.length_b   57.758
_cell.length_c   85.305
_cell.angle_alpha   90.00
_cell.angle_beta   90.00
_cell.angle_gamma   90.00
#
_symmetry.space_group_name_H-M   'P 21 21 21'
#
loop_
_entity.id
_entity.type
_entity.pdbx_description
1 polymer 'Response regulator/HD domain protein'
2 non-polymer 'SULFATE ION'
3 water water
#
_entity_poly.entity_id   1
_entity_poly.type   'polypeptide(L)'
_entity_poly.pdbx_seq_one_letter_code
;MSLGELNVATVTRRPEILLVDSQEVILQRLQQLLSPLPYTLHFARDATQALQLLASREVDLVISAAHLPQMDGPTLLARI
HQQYPSTTRILLTGDPDLKLIAKAINEGEIYRYLSKPWDDQELLLALRQALEHQHSERERLRLQDEGHHHHHH
;
_entity_poly.pdbx_strand_id   A,B
#
# COMPACT_ATOMS: atom_id res chain seq x y z
N LEU A 6 -32.04 -4.26 -18.42
CA LEU A 6 -30.67 -4.30 -19.04
C LEU A 6 -30.08 -5.70 -19.05
N ASN A 7 -29.32 -6.01 -20.11
CA ASN A 7 -28.56 -7.26 -20.20
C ASN A 7 -27.54 -7.38 -19.07
N VAL A 8 -27.19 -8.62 -18.74
CA VAL A 8 -26.19 -8.92 -17.71
C VAL A 8 -24.92 -8.16 -18.08
N ALA A 9 -24.21 -7.56 -17.12
N ALA A 9 -24.37 -7.51 -17.03
CA ALA A 9 -22.92 -6.93 -17.44
CA ALA A 9 -23.29 -6.56 -17.14
C ALA A 9 -21.84 -7.96 -17.81
C ALA A 9 -22.20 -7.11 -18.02
N THR A 10 -21.07 -7.72 -18.87
N THR A 10 -21.78 -6.27 -18.95
CA THR A 10 -20.00 -8.63 -19.25
CA THR A 10 -20.88 -6.66 -20.01
C THR A 10 -18.67 -7.91 -19.09
C THR A 10 -19.45 -6.23 -19.70
N VAL A 11 -18.36 -7.03 -20.06
N VAL A 11 -18.51 -6.46 -20.64
CA VAL A 11 -17.08 -6.33 -20.06
CA VAL A 11 -17.07 -6.16 -20.45
C VAL A 11 -17.14 -4.78 -20.25
C VAL A 11 -17.03 -4.67 -20.51
N THR A 12 -16.12 -4.10 -19.76
CA THR A 12 -15.91 -2.67 -19.94
C THR A 12 -14.88 -2.49 -21.05
N ARG A 13 -14.54 -1.25 -21.34
CA ARG A 13 -13.40 -1.04 -22.21
C ARG A 13 -12.13 -1.71 -21.68
N ARG A 14 -11.26 -2.02 -22.61
CA ARG A 14 -10.05 -2.74 -22.27
C ARG A 14 -9.21 -1.94 -21.24
N PRO A 15 -8.58 -2.66 -20.27
CA PRO A 15 -7.76 -1.93 -19.29
C PRO A 15 -6.70 -1.09 -19.93
N GLU A 16 -6.45 0.07 -19.32
CA GLU A 16 -5.43 1.03 -19.78
C GLU A 16 -4.34 1.07 -18.74
N ILE A 17 -3.13 0.70 -19.17
CA ILE A 17 -1.98 0.58 -18.26
C ILE A 17 -0.87 1.51 -18.76
N LEU A 18 -0.33 2.30 -17.83
CA LEU A 18 0.80 3.20 -18.08
C LEU A 18 2.04 2.64 -17.39
N LEU A 19 3.11 2.44 -18.16
CA LEU A 19 4.37 1.93 -17.64
CA LEU A 19 4.37 1.93 -17.64
C LEU A 19 5.35 3.09 -17.66
N VAL A 20 6.02 3.33 -16.52
CA VAL A 20 6.89 4.51 -16.41
C VAL A 20 8.29 4.04 -16.00
N ASP A 21 9.25 4.19 -16.91
CA ASP A 21 10.65 3.80 -16.64
C ASP A 21 11.50 4.41 -17.71
N SER A 22 12.67 4.90 -17.32
CA SER A 22 13.65 5.38 -18.30
C SER A 22 14.52 4.27 -18.83
N GLN A 23 14.52 3.11 -18.18
CA GLN A 23 15.37 1.99 -18.60
C GLN A 23 14.73 1.15 -19.70
N GLU A 24 15.37 1.12 -20.86
CA GLU A 24 14.82 0.43 -22.03
C GLU A 24 14.65 -1.06 -21.79
N VAL A 25 15.56 -1.71 -21.06
CA VAL A 25 15.44 -3.14 -20.80
C VAL A 25 14.12 -3.44 -20.08
N ILE A 26 13.74 -2.55 -19.17
CA ILE A 26 12.50 -2.75 -18.38
C ILE A 26 11.29 -2.52 -19.27
N LEU A 27 11.27 -1.43 -20.05
CA LEU A 27 10.16 -1.19 -20.95
C LEU A 27 10.04 -2.34 -21.98
N GLN A 28 11.15 -2.88 -22.43
CA GLN A 28 11.09 -3.96 -23.35
CA GLN A 28 11.10 -3.99 -23.37
C GLN A 28 10.54 -5.25 -22.73
N ARG A 29 11.02 -5.58 -21.55
CA ARG A 29 10.53 -6.79 -20.88
C ARG A 29 9.04 -6.70 -20.59
N LEU A 30 8.60 -5.51 -20.16
CA LEU A 30 7.17 -5.24 -19.94
C LEU A 30 6.36 -5.34 -21.22
N GLN A 31 6.83 -4.73 -22.32
CA GLN A 31 6.12 -4.86 -23.59
CA GLN A 31 6.12 -4.85 -23.59
C GLN A 31 6.03 -6.32 -24.04
N GLN A 32 7.14 -7.06 -23.92
CA GLN A 32 7.14 -8.47 -24.34
C GLN A 32 6.11 -9.27 -23.53
N LEU A 33 6.03 -9.00 -22.22
CA LEU A 33 5.16 -9.78 -21.35
C LEU A 33 3.69 -9.38 -21.51
N LEU A 34 3.44 -8.07 -21.69
CA LEU A 34 2.09 -7.57 -21.61
C LEU A 34 1.38 -7.40 -22.94
N SER A 35 2.15 -7.15 -24.01
CA SER A 35 1.53 -6.93 -25.33
C SER A 35 0.66 -8.07 -25.85
N PRO A 36 0.96 -9.36 -25.51
CA PRO A 36 -0.02 -10.39 -25.96
C PRO A 36 -1.37 -10.42 -25.24
N LEU A 37 -1.44 -9.73 -24.09
CA LEU A 37 -2.64 -9.69 -23.25
C LEU A 37 -3.57 -8.54 -23.64
N PRO A 38 -4.87 -8.65 -23.33
CA PRO A 38 -5.86 -7.65 -23.74
C PRO A 38 -5.83 -6.41 -22.87
N TYR A 39 -4.77 -5.65 -23.06
CA TYR A 39 -4.59 -4.36 -22.38
C TYR A 39 -4.20 -3.30 -23.42
N THR A 40 -4.56 -2.05 -23.16
CA THR A 40 -4.00 -0.91 -23.91
C THR A 40 -2.83 -0.41 -23.11
N LEU A 41 -1.64 -0.39 -23.73
CA LEU A 41 -0.43 0.03 -23.03
C LEU A 41 0.08 1.38 -23.49
N HIS A 42 0.56 2.17 -22.52
CA HIS A 42 1.26 3.44 -22.77
CA HIS A 42 1.32 3.38 -22.87
C HIS A 42 2.58 3.42 -22.05
N PHE A 43 3.63 3.97 -22.66
CA PHE A 43 4.96 3.98 -22.08
C PHE A 43 5.41 5.41 -21.89
N ALA A 44 5.93 5.68 -20.70
CA ALA A 44 6.48 7.00 -20.37
C ALA A 44 7.90 6.83 -19.88
N ARG A 45 8.78 7.69 -20.37
CA ARG A 45 10.19 7.60 -20.04
C ARG A 45 10.67 8.60 -18.95
N ASP A 46 9.78 9.47 -18.50
CA ASP A 46 10.04 10.28 -17.32
C ASP A 46 8.74 10.67 -16.63
N ALA A 47 8.83 11.30 -15.47
CA ALA A 47 7.64 11.66 -14.70
C ALA A 47 6.75 12.66 -15.44
N THR A 48 7.37 13.66 -16.10
CA THR A 48 6.57 14.64 -16.81
C THR A 48 5.74 13.99 -17.93
N GLN A 49 6.34 13.05 -18.66
CA GLN A 49 5.56 12.38 -19.69
C GLN A 49 4.42 11.60 -19.07
N ALA A 50 4.68 10.95 -17.93
CA ALA A 50 3.62 10.17 -17.27
C ALA A 50 2.46 11.08 -16.91
N LEU A 51 2.78 12.25 -16.34
CA LEU A 51 1.73 13.15 -15.90
C LEU A 51 0.95 13.70 -17.08
N GLN A 52 1.64 13.98 -18.19
CA GLN A 52 0.93 14.50 -19.36
C GLN A 52 0.03 13.44 -19.96
N LEU A 53 0.49 12.19 -19.98
CA LEU A 53 -0.34 11.07 -20.46
C LEU A 53 -1.61 10.95 -19.60
N LEU A 54 -1.44 11.02 -18.27
CA LEU A 54 -2.59 10.92 -17.39
C LEU A 54 -3.61 12.04 -17.53
N ALA A 55 -3.12 13.22 -17.90
CA ALA A 55 -4.02 14.35 -18.10
C ALA A 55 -4.84 14.16 -19.38
N SER A 56 -4.33 13.33 -20.29
CA SER A 56 -4.91 13.23 -21.63
C SER A 56 -5.88 12.08 -21.85
N ARG A 57 -5.89 11.09 -20.95
CA ARG A 57 -6.83 9.97 -21.09
C ARG A 57 -6.99 9.23 -19.77
N GLU A 58 -8.05 8.43 -19.69
CA GLU A 58 -8.27 7.56 -18.53
C GLU A 58 -7.21 6.48 -18.48
N VAL A 59 -6.67 6.24 -17.27
CA VAL A 59 -5.65 5.22 -17.08
C VAL A 59 -6.08 4.45 -15.85
N ASP A 60 -6.16 3.14 -15.95
CA ASP A 60 -6.56 2.30 -14.84
C ASP A 60 -5.45 1.93 -13.87
N LEU A 61 -4.22 1.84 -14.38
CA LEU A 61 -3.12 1.34 -13.57
C LEU A 61 -1.85 2.00 -14.05
N VAL A 62 -1.05 2.50 -13.09
CA VAL A 62 0.28 3.02 -13.40
C VAL A 62 1.30 2.14 -12.67
N ILE A 63 2.32 1.70 -13.40
CA ILE A 63 3.42 0.94 -12.85
C ILE A 63 4.67 1.81 -13.05
N SER A 64 5.27 2.30 -11.96
CA SER A 64 6.41 3.20 -12.08
C SER A 64 7.67 2.63 -11.46
N ALA A 65 8.79 2.88 -12.12
CA ALA A 65 10.10 2.66 -11.50
C ALA A 65 10.28 3.60 -10.32
N ALA A 66 11.27 3.30 -9.46
CA ALA A 66 11.59 4.17 -8.35
C ALA A 66 12.41 5.37 -8.75
N HIS A 67 13.30 5.19 -9.74
CA HIS A 67 14.17 6.27 -10.16
CA HIS A 67 14.25 6.22 -10.18
C HIS A 67 13.82 6.76 -11.55
N LEU A 68 13.62 8.07 -11.64
CA LEU A 68 13.20 8.77 -12.87
C LEU A 68 13.75 10.20 -12.89
N PRO A 69 14.00 10.75 -14.11
CA PRO A 69 14.56 12.15 -14.27
C PRO A 69 14.10 13.36 -13.36
N GLN A 70 12.84 13.80 -13.41
CA GLN A 70 12.37 15.02 -12.68
C GLN A 70 12.05 14.83 -11.20
N MET A 71 11.45 13.71 -10.88
CA MET A 71 11.09 13.39 -9.52
C MET A 71 11.15 11.88 -9.53
N ASP A 72 11.38 11.32 -8.38
CA ASP A 72 11.43 9.88 -8.25
C ASP A 72 10.03 9.28 -8.31
N GLY A 73 10.01 7.97 -8.46
CA GLY A 73 8.78 7.23 -8.60
C GLY A 73 7.81 7.39 -7.44
N PRO A 74 8.27 7.25 -6.17
CA PRO A 74 7.35 7.47 -5.07
C PRO A 74 6.70 8.86 -5.04
N THR A 75 7.47 9.88 -5.47
CA THR A 75 6.99 11.26 -5.55
C THR A 75 5.91 11.40 -6.66
N LEU A 76 6.21 10.79 -7.82
CA LEU A 76 5.26 10.75 -8.90
C LEU A 76 3.97 10.05 -8.47
N LEU A 77 4.11 8.87 -7.84
CA LEU A 77 2.95 8.13 -7.39
C LEU A 77 2.14 8.90 -6.34
N ALA A 78 2.80 9.65 -5.47
CA ALA A 78 2.09 10.48 -4.52
C ALA A 78 1.23 11.53 -5.20
N ARG A 79 1.79 12.15 -6.25
CA ARG A 79 1.03 13.14 -7.02
CA ARG A 79 1.03 13.13 -7.03
C ARG A 79 -0.16 12.49 -7.74
N ILE A 80 0.08 11.32 -8.33
CA ILE A 80 -0.97 10.60 -9.03
C ILE A 80 -2.09 10.21 -8.06
N HIS A 81 -1.72 9.76 -6.86
CA HIS A 81 -2.75 9.41 -5.87
C HIS A 81 -3.75 10.58 -5.65
N GLN A 82 -3.21 11.78 -5.49
CA GLN A 82 -4.09 12.89 -5.20
C GLN A 82 -4.78 13.48 -6.43
N GLN A 83 -4.10 13.47 -7.59
CA GLN A 83 -4.65 14.12 -8.79
CA GLN A 83 -4.63 14.12 -8.79
C GLN A 83 -5.47 13.18 -9.66
N TYR A 84 -5.13 11.90 -9.61
CA TYR A 84 -5.79 10.88 -10.44
C TYR A 84 -6.20 9.71 -9.56
N PRO A 85 -7.13 9.93 -8.62
CA PRO A 85 -7.44 8.88 -7.67
C PRO A 85 -8.03 7.60 -8.30
N SER A 86 -8.53 7.68 -9.53
CA SER A 86 -9.09 6.48 -10.21
C SER A 86 -8.04 5.52 -10.75
N THR A 87 -6.77 5.89 -10.65
CA THR A 87 -5.70 5.10 -11.22
C THR A 87 -5.02 4.32 -10.08
N THR A 88 -4.98 2.99 -10.17
CA THR A 88 -4.29 2.18 -9.14
C THR A 88 -2.78 2.26 -9.36
N ARG A 89 -2.00 2.16 -8.30
CA ARG A 89 -0.57 2.51 -8.33
C ARG A 89 0.31 1.34 -7.93
N ILE A 90 1.35 1.06 -8.71
CA ILE A 90 2.31 0.01 -8.38
C ILE A 90 3.73 0.58 -8.52
N LEU A 91 4.60 0.23 -7.56
CA LEU A 91 6.02 0.54 -7.63
C LEU A 91 6.75 -0.70 -8.08
N LEU A 92 7.61 -0.53 -9.09
CA LEU A 92 8.42 -1.62 -9.62
C LEU A 92 9.88 -1.21 -9.50
N THR A 93 10.64 -1.84 -8.60
CA THR A 93 12.04 -1.42 -8.41
C THR A 93 12.93 -2.54 -7.88
N GLY A 94 14.21 -2.52 -8.27
CA GLY A 94 15.18 -3.42 -7.62
C GLY A 94 16.01 -2.73 -6.57
N ASP A 95 15.73 -1.45 -6.32
CA ASP A 95 16.41 -0.72 -5.24
C ASP A 95 15.88 -1.18 -3.86
N PRO A 96 16.76 -1.71 -3.01
CA PRO A 96 16.29 -2.18 -1.71
C PRO A 96 16.15 -1.09 -0.65
N ASP A 97 16.36 0.18 -1.02
CA ASP A 97 16.33 1.30 -0.07
C ASP A 97 14.95 1.47 0.54
N LEU A 98 14.83 1.17 1.83
CA LEU A 98 13.51 1.20 2.45
C LEU A 98 13.01 2.62 2.73
N LYS A 99 13.89 3.60 2.67
CA LYS A 99 13.44 5.00 2.66
C LYS A 99 12.60 5.35 1.42
N LEU A 100 13.02 4.85 0.26
CA LEU A 100 12.27 5.06 -0.96
C LEU A 100 10.96 4.25 -0.91
N ILE A 101 11.04 3.00 -0.45
CA ILE A 101 9.86 2.13 -0.31
CA ILE A 101 9.84 2.20 -0.41
C ILE A 101 8.86 2.78 0.65
N ALA A 102 9.37 3.30 1.76
CA ALA A 102 8.50 3.97 2.73
C ALA A 102 7.75 5.16 2.14
N LYS A 103 8.39 5.94 1.30
CA LYS A 103 7.72 6.98 0.64
CA LYS A 103 7.70 6.98 0.64
C LYS A 103 6.62 6.51 -0.30
N ALA A 104 6.93 5.41 -0.97
CA ALA A 104 5.93 4.81 -1.87
C ALA A 104 4.70 4.33 -1.12
N ILE A 105 4.89 3.81 0.10
CA ILE A 105 3.76 3.43 0.96
C ILE A 105 3.05 4.65 1.56
N ASN A 106 3.83 5.55 2.15
CA ASN A 106 3.24 6.57 2.99
C ASN A 106 2.74 7.78 2.24
N GLU A 107 3.32 8.03 1.08
CA GLU A 107 2.91 9.16 0.26
C GLU A 107 2.34 8.64 -1.06
N GLY A 108 2.98 7.64 -1.66
CA GLY A 108 2.47 7.06 -2.91
C GLY A 108 1.24 6.19 -2.72
N GLU A 109 1.05 5.66 -1.50
CA GLU A 109 -0.05 4.72 -1.18
C GLU A 109 -0.19 3.64 -2.27
N ILE A 110 0.94 3.01 -2.56
CA ILE A 110 0.91 1.98 -3.61
C ILE A 110 0.07 0.79 -3.24
N TYR A 111 -0.56 0.19 -4.25
CA TYR A 111 -1.34 -1.01 -4.02
C TYR A 111 -0.47 -2.27 -3.95
N ARG A 112 0.54 -2.33 -4.83
CA ARG A 112 1.47 -3.45 -4.83
C ARG A 112 2.87 -2.95 -5.06
N TYR A 113 3.82 -3.76 -4.59
CA TYR A 113 5.25 -3.51 -4.80
C TYR A 113 5.80 -4.73 -5.53
N LEU A 114 6.58 -4.47 -6.58
CA LEU A 114 7.21 -5.55 -7.36
C LEU A 114 8.70 -5.23 -7.48
N SER A 115 9.54 -6.27 -7.51
CA SER A 115 10.98 -6.14 -7.63
CA SER A 115 10.98 -6.06 -7.64
C SER A 115 11.42 -6.17 -9.09
N LYS A 116 12.62 -5.66 -9.35
CA LYS A 116 13.34 -5.90 -10.60
C LYS A 116 14.56 -6.73 -10.23
N PRO A 117 14.73 -7.91 -10.83
CA PRO A 117 13.84 -8.59 -11.77
C PRO A 117 12.62 -9.15 -11.05
N TRP A 118 11.58 -9.43 -11.81
CA TRP A 118 10.34 -10.00 -11.28
C TRP A 118 10.12 -11.39 -11.80
N ASP A 119 9.23 -12.11 -11.13
CA ASP A 119 8.70 -13.36 -11.66
C ASP A 119 7.46 -12.98 -12.49
N ASP A 120 7.43 -13.46 -13.74
CA ASP A 120 6.33 -13.12 -14.65
C ASP A 120 4.95 -13.42 -14.08
N GLN A 121 4.75 -14.61 -13.51
CA GLN A 121 3.40 -14.94 -13.03
C GLN A 121 3.02 -14.12 -11.79
N GLU A 122 4.00 -13.80 -10.93
CA GLU A 122 3.74 -12.89 -9.80
C GLU A 122 3.32 -11.50 -10.28
N LEU A 123 4.01 -10.98 -11.30
CA LEU A 123 3.65 -9.67 -11.82
CA LEU A 123 3.65 -9.66 -11.82
C LEU A 123 2.26 -9.72 -12.44
N LEU A 124 1.98 -10.77 -13.23
CA LEU A 124 0.65 -10.85 -13.87
C LEU A 124 -0.47 -10.96 -12.85
N LEU A 125 -0.24 -11.70 -11.77
CA LEU A 125 -1.24 -11.78 -10.71
C LEU A 125 -1.45 -10.41 -10.03
N ALA A 126 -0.35 -9.69 -9.75
CA ALA A 126 -0.48 -8.35 -9.15
C ALA A 126 -1.28 -7.42 -10.07
N LEU A 127 -1.06 -7.56 -11.38
CA LEU A 127 -1.79 -6.77 -12.34
CA LEU A 127 -1.82 -6.75 -12.32
C LEU A 127 -3.29 -7.09 -12.31
N ARG A 128 -3.65 -8.39 -12.29
CA ARG A 128 -5.06 -8.78 -12.20
C ARG A 128 -5.70 -8.22 -10.93
N GLN A 129 -5.00 -8.37 -9.81
CA GLN A 129 -5.52 -7.86 -8.54
C GLN A 129 -5.66 -6.34 -8.55
N ALA A 130 -4.69 -5.65 -9.15
CA ALA A 130 -4.76 -4.20 -9.23
C ALA A 130 -5.90 -3.73 -10.13
N LEU A 131 -6.09 -4.40 -11.28
CA LEU A 131 -7.21 -4.00 -12.15
C LEU A 131 -8.56 -4.28 -11.53
N GLU A 132 -8.66 -5.40 -10.82
CA GLU A 132 -9.92 -5.72 -10.16
C GLU A 132 -10.20 -4.70 -9.06
N HIS A 133 -9.17 -4.32 -8.30
CA HIS A 133 -9.30 -3.29 -7.27
C HIS A 133 -9.76 -1.98 -7.87
N GLN A 134 -9.12 -1.58 -8.97
CA GLN A 134 -9.48 -0.34 -9.63
C GLN A 134 -10.94 -0.33 -10.06
N HIS A 135 -11.39 -1.45 -10.62
CA HIS A 135 -12.77 -1.54 -11.06
C HIS A 135 -13.75 -1.46 -9.89
N SER A 136 -13.44 -2.15 -8.79
CA SER A 136 -14.30 -2.14 -7.62
CA SER A 136 -14.32 -2.15 -7.63
C SER A 136 -14.37 -0.76 -6.98
N GLU A 137 -13.23 -0.06 -6.97
CA GLU A 137 -13.15 1.30 -6.44
C GLU A 137 -13.89 2.30 -7.30
N ARG A 138 -13.89 2.08 -8.61
CA ARG A 138 -14.57 2.96 -9.55
C ARG A 138 -16.08 2.74 -9.51
N GLU A 139 -16.49 1.54 -9.13
CA GLU A 139 -17.89 1.25 -8.89
C GLU A 139 -18.43 2.05 -7.71
N ARG A 140 -17.51 2.57 -6.90
CA ARG A 140 -17.88 3.21 -5.63
C ARG A 140 -18.14 4.70 -5.82
N LEU A 141 -17.13 5.42 -6.31
CA LEU A 141 -17.24 6.84 -6.56
C LEU A 141 -17.59 7.12 -8.02
N ARG B 13 -18.34 8.33 16.35
CA ARG B 13 -17.85 7.88 17.68
C ARG B 13 -16.32 8.02 17.84
N ARG B 14 -15.83 7.59 19.00
CA ARG B 14 -14.43 7.65 19.38
C ARG B 14 -13.64 6.54 18.67
N PRO B 15 -12.50 6.89 18.03
CA PRO B 15 -11.72 5.87 17.31
C PRO B 15 -11.17 4.81 18.23
N GLU B 16 -11.09 3.58 17.72
CA GLU B 16 -10.56 2.48 18.49
C GLU B 16 -9.27 1.97 17.83
N ILE B 17 -8.20 1.92 18.61
CA ILE B 17 -6.85 1.59 18.12
C ILE B 17 -6.32 0.38 18.85
N LEU B 18 -5.86 -0.62 18.09
CA LEU B 18 -5.20 -1.80 18.65
C LEU B 18 -3.71 -1.70 18.38
N LEU B 19 -2.92 -1.77 19.45
CA LEU B 19 -1.48 -1.73 19.37
CA LEU B 19 -1.46 -1.74 19.39
C LEU B 19 -0.94 -3.12 19.65
N VAL B 20 -0.09 -3.63 18.74
CA VAL B 20 0.45 -4.98 18.86
C VAL B 20 1.98 -4.92 18.84
N ASP B 21 2.62 -5.31 19.96
CA ASP B 21 4.10 -5.30 19.99
C ASP B 21 4.51 -6.31 21.03
N SER B 22 5.60 -7.01 20.77
CA SER B 22 6.07 -8.06 21.68
C SER B 22 6.58 -7.51 22.99
N GLN B 23 6.97 -6.22 23.01
CA GLN B 23 7.63 -5.65 24.19
CA GLN B 23 7.63 -5.66 24.19
C GLN B 23 6.75 -4.73 24.99
N GLU B 24 6.63 -5.04 26.28
CA GLU B 24 5.97 -4.21 27.25
C GLU B 24 6.39 -2.74 27.18
N VAL B 25 7.69 -2.50 27.06
CA VAL B 25 8.23 -1.12 27.04
C VAL B 25 7.64 -0.28 25.90
N ILE B 26 7.44 -0.94 24.75
CA ILE B 26 6.92 -0.26 23.58
C ILE B 26 5.43 0.03 23.74
N LEU B 27 4.67 -0.94 24.25
CA LEU B 27 3.26 -0.68 24.56
C LEU B 27 3.09 0.45 25.55
N GLN B 28 3.97 0.48 26.58
CA GLN B 28 3.93 1.55 27.59
CA GLN B 28 3.94 1.54 27.59
C GLN B 28 4.18 2.91 26.94
N ARG B 29 5.12 2.97 26.05
CA ARG B 29 5.41 4.20 25.39
C ARG B 29 4.31 4.65 24.46
N LEU B 30 3.72 3.71 23.75
CA LEU B 30 2.58 4.08 22.91
C LEU B 30 1.41 4.55 23.78
N GLN B 31 1.17 3.87 24.90
CA GLN B 31 0.10 4.32 25.81
C GLN B 31 0.33 5.74 26.30
N GLN B 32 1.55 6.07 26.63
CA GLN B 32 1.85 7.40 27.08
C GLN B 32 1.70 8.45 26.02
N LEU B 33 2.06 8.10 24.80
CA LEU B 33 1.92 9.03 23.69
C LEU B 33 0.46 9.30 23.34
N LEU B 34 -0.33 8.23 23.40
CA LEU B 34 -1.70 8.28 22.89
C LEU B 34 -2.83 8.55 23.90
N SER B 35 -2.58 8.25 25.17
CA SER B 35 -3.59 8.48 26.21
CA SER B 35 -3.57 8.49 26.24
C SER B 35 -4.10 9.93 26.32
N PRO B 36 -3.25 10.97 26.03
CA PRO B 36 -3.85 12.31 25.95
C PRO B 36 -4.89 12.58 24.85
N LEU B 37 -4.97 11.72 23.84
CA LEU B 37 -5.84 11.92 22.70
C LEU B 37 -7.15 11.15 22.89
N PRO B 38 -8.22 11.57 22.19
CA PRO B 38 -9.52 10.96 22.41
C PRO B 38 -9.72 9.68 21.61
N TYR B 39 -8.88 8.71 21.93
CA TYR B 39 -8.85 7.40 21.28
C TYR B 39 -9.01 6.33 22.34
N THR B 40 -9.76 5.28 22.01
CA THR B 40 -9.88 4.11 22.85
C THR B 40 -8.78 3.12 22.45
N LEU B 41 -7.93 2.74 23.40
CA LEU B 41 -6.75 1.91 23.11
C LEU B 41 -6.93 0.47 23.56
N HIS B 42 -6.38 -0.45 22.77
CA HIS B 42 -6.34 -1.86 23.13
C HIS B 42 -4.93 -2.33 22.89
N PHE B 43 -4.41 -3.25 23.73
CA PHE B 43 -3.02 -3.66 23.67
C PHE B 43 -2.88 -5.16 23.58
N ALA B 44 -1.98 -5.60 22.71
CA ALA B 44 -1.70 -7.01 22.50
C ALA B 44 -0.19 -7.26 22.39
N ARG B 45 0.27 -8.37 22.95
CA ARG B 45 1.70 -8.72 22.91
C ARG B 45 2.04 -9.75 21.84
N ASP B 46 1.03 -10.29 21.16
CA ASP B 46 1.24 -11.26 20.12
C ASP B 46 -0.02 -11.35 19.26
N ALA B 47 0.03 -12.16 18.23
CA ALA B 47 -1.09 -12.27 17.28
C ALA B 47 -2.32 -12.90 17.94
N THR B 48 -2.13 -13.91 18.80
CA THR B 48 -3.27 -14.52 19.49
C THR B 48 -4.05 -13.49 20.31
N GLN B 49 -3.36 -12.65 21.06
CA GLN B 49 -4.02 -11.63 21.83
C GLN B 49 -4.69 -10.61 20.92
N ALA B 50 -4.02 -10.25 19.82
CA ALA B 50 -4.63 -9.27 18.88
C ALA B 50 -5.94 -9.82 18.32
N LEU B 51 -5.94 -11.08 17.91
CA LEU B 51 -7.13 -11.67 17.35
C LEU B 51 -8.25 -11.82 18.39
N GLN B 52 -7.90 -12.05 19.67
CA GLN B 52 -8.93 -12.10 20.70
C GLN B 52 -9.60 -10.74 20.84
N LEU B 53 -8.80 -9.69 20.86
CA LEU B 53 -9.33 -8.33 20.93
C LEU B 53 -10.15 -7.96 19.69
N LEU B 54 -9.68 -8.35 18.51
CA LEU B 54 -10.43 -8.04 17.30
C LEU B 54 -11.80 -8.70 17.29
N ALA B 55 -11.93 -9.86 17.95
CA ALA B 55 -13.22 -10.54 17.97
C ALA B 55 -14.14 -10.05 19.08
N SER B 56 -13.64 -9.14 19.93
CA SER B 56 -14.39 -8.75 21.11
C SER B 56 -14.48 -7.25 21.31
N ARG B 57 -13.96 -6.46 20.36
CA ARG B 57 -13.93 -5.00 20.45
C ARG B 57 -14.12 -4.47 19.04
N GLU B 58 -14.68 -3.27 18.93
CA GLU B 58 -14.64 -2.57 17.67
C GLU B 58 -13.20 -2.06 17.56
N VAL B 59 -12.60 -2.26 16.42
CA VAL B 59 -11.26 -1.78 16.17
C VAL B 59 -11.25 -1.09 14.82
N ASP B 60 -10.76 0.14 14.79
CA ASP B 60 -10.64 0.91 13.56
C ASP B 60 -9.24 0.84 12.94
N LEU B 61 -8.24 0.96 13.80
CA LEU B 61 -6.83 1.05 13.38
CA LEU B 61 -6.86 1.02 13.35
C LEU B 61 -6.04 0.00 14.11
N VAL B 62 -5.17 -0.71 13.38
CA VAL B 62 -4.26 -1.68 14.00
C VAL B 62 -2.84 -1.26 13.69
N ILE B 63 -2.01 -1.13 14.72
CA ILE B 63 -0.58 -0.82 14.56
C ILE B 63 0.15 -2.06 15.06
N SER B 64 1.01 -2.66 14.24
CA SER B 64 1.70 -3.88 14.65
C SER B 64 3.19 -3.81 14.38
N ALA B 65 3.95 -4.34 15.33
CA ALA B 65 5.35 -4.66 15.08
C ALA B 65 5.48 -5.71 13.99
N ALA B 66 6.70 -5.90 13.50
CA ALA B 66 6.96 -6.96 12.52
C ALA B 66 7.26 -8.28 13.18
N HIS B 67 8.05 -8.25 14.25
CA HIS B 67 8.43 -9.47 14.94
C HIS B 67 7.47 -9.70 16.09
N LEU B 68 6.89 -10.88 16.10
CA LEU B 68 5.99 -11.29 17.18
C LEU B 68 6.36 -12.73 17.50
N PRO B 69 5.98 -13.24 18.69
CA PRO B 69 6.50 -14.57 19.07
C PRO B 69 6.08 -15.75 18.23
N GLN B 70 4.90 -15.70 17.60
CA GLN B 70 4.47 -16.79 16.76
C GLN B 70 4.15 -16.19 15.39
N MET B 71 2.89 -16.14 14.99
CA MET B 71 2.50 -15.49 13.76
C MET B 71 3.09 -14.07 13.74
N ASP B 72 3.82 -13.73 12.68
CA ASP B 72 4.52 -12.44 12.66
C ASP B 72 3.63 -11.29 12.25
N GLY B 73 4.19 -10.09 12.25
CA GLY B 73 3.41 -8.89 12.01
C GLY B 73 2.79 -8.85 10.62
N PRO B 74 3.58 -9.01 9.54
CA PRO B 74 2.98 -8.95 8.21
C PRO B 74 1.94 -10.04 7.99
N THR B 75 2.16 -11.23 8.56
CA THR B 75 1.17 -12.32 8.44
C THR B 75 -0.11 -11.95 9.19
N LEU B 76 0.06 -11.41 10.40
CA LEU B 76 -1.10 -10.93 11.17
C LEU B 76 -1.85 -9.82 10.41
N LEU B 77 -1.11 -8.88 9.82
CA LEU B 77 -1.78 -7.78 9.11
C LEU B 77 -2.51 -8.28 7.85
N ALA B 78 -1.96 -9.29 7.20
CA ALA B 78 -2.63 -9.92 6.07
C ALA B 78 -3.91 -10.60 6.56
N ARG B 79 -3.83 -11.33 7.67
CA ARG B 79 -5.04 -11.96 8.24
C ARG B 79 -6.10 -10.93 8.60
N ILE B 80 -5.69 -9.78 9.16
CA ILE B 80 -6.63 -8.71 9.50
C ILE B 80 -7.23 -8.07 8.25
N HIS B 81 -6.43 -7.88 7.20
CA HIS B 81 -6.99 -7.39 5.92
C HIS B 81 -8.09 -8.31 5.41
N GLN B 82 -7.88 -9.62 5.55
CA GLN B 82 -8.85 -10.61 5.06
CA GLN B 82 -8.85 -10.61 5.06
C GLN B 82 -10.09 -10.67 5.94
N GLN B 83 -9.89 -10.64 7.25
CA GLN B 83 -10.99 -10.94 8.19
C GLN B 83 -11.72 -9.69 8.67
N TYR B 84 -10.99 -8.58 8.76
CA TYR B 84 -11.52 -7.29 9.21
C TYR B 84 -11.14 -6.23 8.17
N PRO B 85 -11.67 -6.33 6.95
CA PRO B 85 -11.23 -5.45 5.87
C PRO B 85 -11.48 -3.96 6.09
N SER B 86 -12.41 -3.58 6.96
CA SER B 86 -12.68 -2.15 7.16
CA SER B 86 -12.66 -2.15 7.15
C SER B 86 -11.59 -1.47 8.01
N THR B 87 -10.68 -2.26 8.59
CA THR B 87 -9.64 -1.65 9.40
C THR B 87 -8.62 -0.96 8.50
N THR B 88 -7.84 -0.06 9.11
CA THR B 88 -6.66 0.51 8.49
C THR B 88 -5.49 0.01 9.33
N ARG B 89 -4.39 -0.34 8.66
CA ARG B 89 -3.27 -1.06 9.31
C ARG B 89 -1.94 -0.37 9.09
N ILE B 90 -1.12 -0.31 10.15
CA ILE B 90 0.20 0.33 10.08
C ILE B 90 1.22 -0.65 10.58
N LEU B 91 2.33 -0.80 9.85
CA LEU B 91 3.47 -1.59 10.33
C LEU B 91 4.47 -0.64 11.01
N LEU B 92 4.79 -0.93 12.28
CA LEU B 92 5.72 -0.10 13.04
C LEU B 92 6.85 -1.01 13.51
N THR B 93 8.01 -0.98 12.84
CA THR B 93 9.06 -1.97 13.13
C THR B 93 10.45 -1.37 13.08
N GLY B 94 11.33 -1.92 13.91
CA GLY B 94 12.76 -1.55 13.91
C GLY B 94 13.58 -2.37 12.93
N ASP B 95 12.96 -3.32 12.25
CA ASP B 95 13.69 -4.18 11.34
C ASP B 95 13.44 -3.78 9.88
N PRO B 96 14.43 -3.15 9.22
CA PRO B 96 14.21 -2.70 7.84
C PRO B 96 14.46 -3.85 6.89
N ASP B 97 13.56 -4.84 6.94
CA ASP B 97 13.66 -6.03 6.12
C ASP B 97 12.68 -5.88 4.97
N LEU B 98 13.24 -5.76 3.77
CA LEU B 98 12.43 -5.66 2.56
C LEU B 98 11.40 -6.78 2.41
N LYS B 99 11.76 -8.01 2.79
CA LYS B 99 10.83 -9.14 2.67
C LYS B 99 9.60 -8.92 3.56
N LEU B 100 9.81 -8.41 4.78
CA LEU B 100 8.67 -8.16 5.68
C LEU B 100 7.80 -7.02 5.16
N ILE B 101 8.46 -5.95 4.72
CA ILE B 101 7.75 -4.77 4.21
CA ILE B 101 7.73 -4.79 4.24
C ILE B 101 6.95 -5.15 2.97
N ALA B 102 7.55 -5.94 2.08
CA ALA B 102 6.87 -6.31 0.85
C ALA B 102 5.62 -7.11 1.12
N LYS B 103 5.68 -8.03 2.09
CA LYS B 103 4.51 -8.79 2.43
C LYS B 103 3.44 -7.90 3.09
N ALA B 104 3.93 -6.97 3.90
CA ALA B 104 2.99 -6.05 4.55
C ALA B 104 2.24 -5.20 3.50
N ILE B 105 2.89 -4.84 2.39
CA ILE B 105 2.20 -4.13 1.30
C ILE B 105 1.28 -5.10 0.55
N ASN B 106 1.85 -6.19 0.04
CA ASN B 106 1.13 -6.96 -0.98
C ASN B 106 0.05 -7.85 -0.41
N GLU B 107 0.23 -8.25 0.85
CA GLU B 107 -0.76 -9.10 1.53
C GLU B 107 -1.44 -8.36 2.68
N GLY B 108 -0.72 -7.48 3.37
CA GLY B 108 -1.31 -6.73 4.47
C GLY B 108 -2.00 -5.45 4.04
N GLU B 109 -1.69 -4.97 2.83
CA GLU B 109 -2.21 -3.67 2.33
C GLU B 109 -2.12 -2.58 3.41
N ILE B 110 -0.94 -2.48 4.02
CA ILE B 110 -0.73 -1.46 5.04
C ILE B 110 -0.91 -0.06 4.49
N TYR B 111 -1.40 0.82 5.37
CA TYR B 111 -1.59 2.21 5.03
C TYR B 111 -0.31 3.00 5.23
N ARG B 112 0.43 2.67 6.30
CA ARG B 112 1.70 3.34 6.58
C ARG B 112 2.72 2.34 7.11
N TYR B 113 4.00 2.64 6.87
CA TYR B 113 5.13 1.89 7.42
C TYR B 113 6.01 2.92 8.11
N LEU B 114 6.26 2.73 9.41
CA LEU B 114 7.15 3.61 10.16
C LEU B 114 8.21 2.81 10.88
N SER B 115 9.42 3.35 10.95
CA SER B 115 10.50 2.69 11.68
CA SER B 115 10.52 2.71 11.67
C SER B 115 10.42 2.98 13.16
N LYS B 116 10.86 2.01 13.98
CA LYS B 116 11.11 2.26 15.40
C LYS B 116 12.62 2.44 15.57
N PRO B 117 13.04 3.41 16.40
CA PRO B 117 12.20 4.30 17.19
C PRO B 117 11.50 5.30 16.29
N TRP B 118 10.27 5.63 16.63
CA TRP B 118 9.48 6.52 15.80
C TRP B 118 9.72 7.98 16.13
N ASP B 119 9.28 8.85 15.22
CA ASP B 119 9.15 10.27 15.48
CA ASP B 119 9.15 10.28 15.47
C ASP B 119 7.72 10.52 15.92
N ASP B 120 7.53 11.07 17.13
CA ASP B 120 6.16 11.28 17.67
C ASP B 120 5.28 12.07 16.69
N GLN B 121 5.83 13.13 16.10
CA GLN B 121 5.02 14.00 15.22
C GLN B 121 4.57 13.22 13.99
N GLU B 122 5.47 12.40 13.46
CA GLU B 122 5.12 11.60 12.27
C GLU B 122 4.15 10.48 12.56
N LEU B 123 4.32 9.84 13.73
CA LEU B 123 3.38 8.80 14.11
C LEU B 123 1.99 9.38 14.37
N LEU B 124 1.92 10.51 15.07
CA LEU B 124 0.61 11.12 15.30
C LEU B 124 -0.05 11.56 14.00
N LEU B 125 0.74 12.11 13.07
CA LEU B 125 0.19 12.44 11.74
C LEU B 125 -0.37 11.21 11.04
N ALA B 126 0.39 10.10 11.09
CA ALA B 126 -0.08 8.89 10.42
C ALA B 126 -1.42 8.45 10.99
N LEU B 127 -1.60 8.59 12.30
CA LEU B 127 -2.88 8.23 12.89
C LEU B 127 -3.99 9.16 12.48
N ARG B 128 -3.74 10.48 12.46
CA ARG B 128 -4.77 11.39 12.00
C ARG B 128 -5.14 11.12 10.55
N GLN B 129 -4.14 10.85 9.70
CA GLN B 129 -4.45 10.58 8.31
C GLN B 129 -5.21 9.26 8.16
N ALA B 130 -4.80 8.26 8.95
CA ALA B 130 -5.42 6.92 8.90
C ALA B 130 -6.87 7.04 9.32
N LEU B 131 -7.14 7.83 10.36
CA LEU B 131 -8.52 7.99 10.84
C LEU B 131 -9.41 8.71 9.84
N GLU B 132 -8.86 9.70 9.15
CA GLU B 132 -9.58 10.37 8.06
C GLU B 132 -9.81 9.42 6.88
N HIS B 133 -8.84 8.56 6.62
CA HIS B 133 -8.96 7.52 5.56
C HIS B 133 -9.94 6.41 5.96
N GLN B 134 -9.87 5.98 7.20
CA GLN B 134 -10.72 4.94 7.82
CA GLN B 134 -10.71 4.90 7.64
C GLN B 134 -12.14 5.38 7.82
N HIS B 135 -12.35 6.68 8.04
CA HIS B 135 -13.64 7.37 8.11
C HIS B 135 -14.46 7.22 6.83
N SER B 136 -13.83 7.49 5.69
CA SER B 136 -14.53 7.50 4.40
C SER B 136 -14.59 6.14 3.71
N GLU B 137 -13.62 5.27 3.98
CA GLU B 137 -13.61 3.90 3.43
C GLU B 137 -14.72 3.03 4.03
#